data_6F83
#
_entry.id   6F83
#
_cell.length_a   44.447
_cell.length_b   58.689
_cell.length_c   112.353
_cell.angle_alpha   90.000
_cell.angle_beta   90.000
_cell.angle_gamma   90.000
#
_symmetry.space_group_name_H-M   'P 21 21 21'
#
loop_
_entity.id
_entity.type
_entity.pdbx_description
1 polymer Galectin-1
2 non-polymer '3-deoxy-3-[4-(thiophen-3-yl)-1H-1,2,3-triazol-1-yl]-beta-D-galactopyranosyl 3-deoxy-1-thio-3-[4-(thiophen-3-yl)-1H-1,2,3-triazol-1-yl]-beta-D-galactopyranoside'
3 water water
#
_entity_poly.entity_id   1
_entity_poly.type   'polypeptide(L)'
_entity_poly.pdbx_seq_one_letter_code
;ACGLVASNLNLKPGE(CME)LRVRGEVAPDAKSFVLNLGKDSNNL(CME)LHFNPRFNAHGDANTIV(CME)NSKDGGAW
GTEQREAVFPFQPGSVAEV(CME)ITFDQANLTVKLPDGYEFKFPNRLNLEAINYMAADGDFKIK(CME)VAFD
;
_entity_poly.pdbx_strand_id   A,B
#
# COMPACT_ATOMS: atom_id res chain seq x y z
N ALA A 1 4.11 -8.77 -10.84
CA ALA A 1 4.38 -8.08 -12.14
C ALA A 1 3.31 -7.03 -12.40
N CYS A 2 2.05 -7.44 -12.30
N CYS A 2 2.05 -7.45 -12.31
CA CYS A 2 0.92 -6.51 -12.44
CA CYS A 2 0.89 -6.56 -12.44
C CYS A 2 0.21 -6.25 -11.08
C CYS A 2 0.22 -6.26 -11.09
N GLY A 3 0.54 -7.05 -10.06
CA GLY A 3 -0.03 -6.84 -8.72
C GLY A 3 0.59 -5.67 -7.98
N LEU A 4 -0.06 -5.25 -6.91
CA LEU A 4 0.42 -4.18 -6.05
C LEU A 4 1.79 -4.41 -5.41
N VAL A 5 2.71 -3.49 -5.62
CA VAL A 5 3.99 -3.45 -4.88
C VAL A 5 4.00 -2.28 -3.89
N ALA A 6 4.41 -2.54 -2.64
CA ALA A 6 4.55 -1.49 -1.64
C ALA A 6 5.94 -1.55 -0.99
N SER A 7 6.58 -0.40 -0.84
CA SER A 7 7.84 -0.35 -0.17
C SER A 7 7.89 0.80 0.85
N ASN A 8 8.99 0.85 1.61
CA ASN A 8 9.12 1.67 2.81
C ASN A 8 8.04 1.37 3.83
N LEU A 9 7.66 0.10 3.98
CA LEU A 9 6.61 -0.27 4.93
C LEU A 9 7.07 -0.01 6.35
N ASN A 10 8.34 -0.25 6.62
CA ASN A 10 8.89 -0.15 7.97
C ASN A 10 8.05 -0.85 9.06
N LEU A 11 7.68 -2.07 8.78
CA LEU A 11 6.94 -2.90 9.70
C LEU A 11 7.89 -3.56 10.69
N LYS A 12 7.74 -3.21 11.96
CA LYS A 12 8.64 -3.69 13.01
C LYS A 12 8.01 -4.91 13.70
N PRO A 13 8.83 -5.72 14.40
CA PRO A 13 8.31 -6.87 15.16
C PRO A 13 7.14 -6.50 16.07
N GLY A 14 6.08 -7.32 16.02
CA GLY A 14 4.90 -7.12 16.84
C GLY A 14 3.81 -6.28 16.19
N GLU A 15 4.11 -5.74 15.01
CA GLU A 15 3.15 -4.90 14.32
C GLU A 15 2.42 -5.76 13.31
N LEU A 17 0.39 -6.46 9.85
CA LEU A 17 0.00 -6.13 8.48
C LEU A 17 -1.27 -6.92 8.14
N ARG A 18 -2.34 -6.19 7.84
CA ARG A 18 -3.61 -6.80 7.43
C ARG A 18 -3.92 -6.53 5.94
N VAL A 19 -4.12 -7.60 5.17
CA VAL A 19 -4.35 -7.50 3.73
C VAL A 19 -5.68 -8.18 3.42
N ARG A 20 -6.59 -7.47 2.79
CA ARG A 20 -7.81 -8.06 2.28
C ARG A 20 -7.88 -8.00 0.75
N GLY A 21 -8.31 -9.09 0.12
CA GLY A 21 -8.45 -9.11 -1.34
C GLY A 21 -9.50 -10.06 -1.88
N GLU A 22 -9.71 -9.99 -3.19
CA GLU A 22 -10.74 -10.77 -3.86
C GLU A 22 -10.05 -11.92 -4.58
N VAL A 23 -10.43 -13.16 -4.26
CA VAL A 23 -9.90 -14.31 -4.99
C VAL A 23 -10.78 -14.55 -6.20
N ALA A 24 -10.17 -14.55 -7.39
CA ALA A 24 -10.89 -14.69 -8.68
C ALA A 24 -11.71 -15.99 -8.67
N PRO A 25 -12.83 -16.02 -9.38
CA PRO A 25 -13.60 -17.27 -9.42
C PRO A 25 -12.81 -18.44 -10.02
N ASP A 26 -11.84 -18.14 -10.87
CA ASP A 26 -11.07 -19.18 -11.51
C ASP A 26 -9.63 -19.19 -11.00
N ALA A 27 -9.43 -18.78 -9.74
CA ALA A 27 -8.10 -18.70 -9.17
C ALA A 27 -7.34 -20.00 -9.34
N LYS A 28 -6.06 -19.89 -9.70
CA LYS A 28 -5.14 -21.03 -9.70
C LYS A 28 -4.20 -20.93 -8.52
N SER A 29 -3.68 -19.74 -8.30
CA SER A 29 -2.95 -19.44 -7.06
C SER A 29 -2.81 -17.95 -6.90
N PHE A 30 -2.31 -17.53 -5.74
CA PHE A 30 -1.86 -16.17 -5.55
C PHE A 30 -0.66 -16.13 -4.61
N VAL A 31 0.02 -14.99 -4.60
CA VAL A 31 1.29 -14.79 -3.92
C VAL A 31 1.23 -13.51 -3.13
N LEU A 32 1.61 -13.60 -1.86
CA LEU A 32 2.03 -12.40 -1.11
C LEU A 32 3.51 -12.55 -0.79
N ASN A 33 4.33 -11.62 -1.26
CA ASN A 33 5.77 -11.63 -0.96
C ASN A 33 6.10 -10.53 0.04
N LEU A 34 6.85 -10.87 1.09
CA LEU A 34 7.24 -9.93 2.15
C LEU A 34 8.74 -10.04 2.44
N GLY A 35 9.40 -8.89 2.50
CA GLY A 35 10.79 -8.86 2.91
C GLY A 35 11.46 -7.53 2.76
N LYS A 36 12.66 -7.55 2.21
CA LYS A 36 13.45 -6.33 1.96
C LYS A 36 13.25 -5.80 0.53
N ASP A 37 13.15 -6.72 -0.42
CA ASP A 37 13.04 -6.38 -1.84
C ASP A 37 12.81 -7.67 -2.61
N SER A 38 12.74 -7.60 -3.93
CA SER A 38 12.32 -8.79 -4.68
C SER A 38 13.27 -9.97 -4.55
N ASN A 39 14.55 -9.72 -4.26
CA ASN A 39 15.49 -10.83 -4.08
C ASN A 39 15.64 -11.34 -2.65
N ASN A 40 15.05 -10.63 -1.68
CA ASN A 40 15.23 -10.95 -0.25
C ASN A 40 13.90 -10.96 0.49
N LEU A 41 13.35 -12.14 0.67
CA LEU A 41 11.95 -12.30 1.03
C LEU A 41 11.93 -13.18 2.27
N LEU A 43 9.22 -13.97 3.57
CA LEU A 43 8.08 -14.84 3.33
C LEU A 43 7.53 -14.71 1.93
N HIS A 44 7.47 -15.86 1.23
CA HIS A 44 6.74 -16.04 0.00
C HIS A 44 5.59 -16.94 0.34
N PHE A 45 4.37 -16.39 0.29
CA PHE A 45 3.15 -17.06 0.74
C PHE A 45 2.30 -17.31 -0.48
N ASN A 46 2.14 -18.60 -0.84
CA ASN A 46 1.58 -18.99 -2.13
C ASN A 46 0.50 -20.07 -1.98
N PRO A 47 -0.71 -19.65 -1.68
CA PRO A 47 -1.83 -20.60 -1.71
C PRO A 47 -2.09 -21.09 -3.14
N ARG A 48 -2.11 -22.40 -3.33
CA ARG A 48 -2.36 -22.97 -4.66
C ARG A 48 -3.67 -23.74 -4.65
N PHE A 49 -4.60 -23.32 -5.48
CA PHE A 49 -5.87 -23.97 -5.62
C PHE A 49 -5.66 -25.13 -6.58
N ASN A 50 -5.03 -24.82 -7.70
CA ASN A 50 -4.56 -25.82 -8.66
C ASN A 50 -3.36 -25.25 -9.42
N ALA A 51 -2.15 -25.58 -8.98
CA ALA A 51 -0.94 -25.04 -9.60
C ALA A 51 0.30 -25.89 -9.28
N HIS A 52 1.08 -26.22 -10.32
CA HIS A 52 2.33 -27.00 -10.17
C HIS A 52 2.12 -28.38 -9.55
N GLY A 53 0.97 -28.97 -9.83
CA GLY A 53 0.61 -30.28 -9.28
C GLY A 53 -0.05 -30.23 -7.90
N ASP A 54 -0.14 -29.02 -7.34
CA ASP A 54 -0.71 -28.84 -6.00
C ASP A 54 -2.18 -28.49 -6.00
N ALA A 55 -2.96 -29.22 -5.22
CA ALA A 55 -4.38 -28.95 -5.00
C ALA A 55 -4.52 -28.42 -3.58
N ASN A 56 -5.19 -27.28 -3.46
CA ASN A 56 -5.57 -26.73 -2.17
C ASN A 56 -4.48 -26.92 -1.11
N THR A 57 -3.29 -26.41 -1.43
CA THR A 57 -2.16 -26.43 -0.51
C THR A 57 -1.55 -25.05 -0.38
N ILE A 58 -1.14 -24.68 0.82
CA ILE A 58 -0.40 -23.45 1.03
C ILE A 58 1.08 -23.83 0.91
N VAL A 59 1.81 -23.10 0.07
CA VAL A 59 3.24 -23.29 -0.03
C VAL A 59 3.89 -22.01 0.46
N ASN A 61 7.90 -20.22 1.40
CA ASN A 61 9.34 -20.29 1.23
C ASN A 61 9.89 -18.93 1.55
N SER A 62 11.21 -18.86 1.57
CA SER A 62 11.94 -17.60 1.68
C SER A 62 12.78 -17.45 0.43
N LYS A 63 13.39 -16.27 0.28
CA LYS A 63 14.34 -16.02 -0.78
C LYS A 63 15.48 -15.14 -0.23
N ASP A 64 16.70 -15.64 -0.31
CA ASP A 64 17.85 -14.97 0.28
C ASP A 64 18.91 -14.71 -0.78
N GLY A 65 19.03 -13.44 -1.21
CA GLY A 65 20.01 -13.06 -2.19
C GLY A 65 19.77 -13.76 -3.52
N GLY A 66 18.50 -13.80 -3.90
CA GLY A 66 18.08 -14.42 -5.15
C GLY A 66 17.75 -15.90 -5.11
N ALA A 67 18.26 -16.62 -4.11
CA ALA A 67 18.09 -18.08 -4.01
C ALA A 67 16.86 -18.46 -3.18
N TRP A 68 15.94 -19.20 -3.79
CA TRP A 68 14.84 -19.81 -3.04
C TRP A 68 15.35 -20.69 -1.95
N GLY A 69 14.69 -20.66 -0.79
CA GLY A 69 15.02 -21.56 0.32
C GLY A 69 14.30 -22.90 0.24
N THR A 70 14.30 -23.63 1.36
CA THR A 70 13.57 -24.90 1.48
C THR A 70 12.06 -24.66 1.65
N GLU A 71 11.28 -25.20 0.72
CA GLU A 71 9.83 -25.08 0.73
C GLU A 71 9.20 -25.76 1.94
N GLN A 72 8.09 -25.19 2.40
CA GLN A 72 7.22 -25.85 3.40
C GLN A 72 5.75 -25.74 3.04
N ARG A 73 4.98 -26.79 3.32
CA ARG A 73 3.57 -26.82 3.00
C ARG A 73 2.76 -27.04 4.24
N GLU A 74 1.59 -26.42 4.28
CA GLU A 74 0.66 -26.62 5.39
C GLU A 74 -0.50 -27.47 4.92
N ALA A 75 -1.03 -28.26 5.84
CA ALA A 75 -2.18 -29.11 5.59
C ALA A 75 -3.49 -28.33 5.37
N VAL A 76 -3.63 -27.22 6.09
CA VAL A 76 -4.89 -26.45 6.13
C VAL A 76 -5.05 -25.50 4.92
N PHE A 77 -6.26 -25.45 4.36
CA PHE A 77 -6.54 -24.59 3.22
C PHE A 77 -7.91 -23.93 3.31
N PRO A 78 -7.98 -22.77 3.96
CA PRO A 78 -9.25 -22.10 4.21
C PRO A 78 -9.51 -20.93 3.25
N PHE A 79 -9.14 -21.11 1.99
CA PHE A 79 -9.45 -20.13 0.93
C PHE A 79 -10.41 -20.76 -0.07
N GLN A 80 -11.30 -19.96 -0.61
CA GLN A 80 -12.31 -20.39 -1.56
C GLN A 80 -12.15 -19.48 -2.78
N PRO A 81 -12.15 -20.05 -3.99
CA PRO A 81 -12.18 -19.21 -5.18
C PRO A 81 -13.46 -18.39 -5.27
N GLY A 82 -13.34 -17.15 -5.74
CA GLY A 82 -14.53 -16.30 -5.92
C GLY A 82 -15.04 -15.69 -4.64
N SER A 83 -14.16 -15.41 -3.68
CA SER A 83 -14.60 -14.79 -2.43
C SER A 83 -13.49 -13.92 -1.84
N VAL A 84 -13.89 -13.13 -0.84
CA VAL A 84 -13.00 -12.18 -0.22
C VAL A 84 -12.20 -12.89 0.85
N ALA A 85 -10.92 -12.58 0.94
CA ALA A 85 -10.01 -13.26 1.87
C ALA A 85 -9.12 -12.22 2.57
N GLU A 86 -9.03 -12.33 3.89
CA GLU A 86 -8.13 -11.52 4.70
C GLU A 86 -7.04 -12.39 5.32
N VAL A 87 -5.80 -11.90 5.29
CA VAL A 87 -4.64 -12.56 5.88
C VAL A 87 -3.92 -11.54 6.78
N ILE A 89 -0.46 -10.80 9.06
CA ILE A 89 0.93 -11.19 9.31
C ILE A 89 1.59 -10.29 10.37
N THR A 90 2.28 -10.95 11.30
CA THR A 90 3.31 -10.36 12.20
C THR A 90 4.59 -11.24 12.25
N PHE A 91 5.64 -10.70 12.86
CA PHE A 91 6.87 -11.46 13.03
C PHE A 91 7.62 -11.09 14.33
N ASP A 92 8.50 -11.99 14.75
CA ASP A 92 9.55 -11.71 15.75
C ASP A 92 10.87 -12.27 15.19
N GLN A 93 11.91 -12.29 16.01
N GLN A 93 11.93 -12.31 15.98
CA GLN A 93 13.21 -12.84 15.64
CA GLN A 93 13.22 -12.84 15.51
C GLN A 93 13.13 -14.30 15.12
C GLN A 93 13.18 -14.34 15.14
N ALA A 94 12.29 -15.11 15.74
CA ALA A 94 12.20 -16.56 15.47
C ALA A 94 11.25 -16.96 14.34
N ASN A 95 10.08 -16.35 14.28
CA ASN A 95 9.03 -16.80 13.35
C ASN A 95 8.22 -15.68 12.74
N LEU A 96 7.65 -15.93 11.56
CA LEU A 96 6.50 -15.15 11.05
C LEU A 96 5.26 -15.88 11.47
N THR A 97 4.25 -15.14 11.94
CA THR A 97 2.96 -15.72 12.27
C THR A 97 1.96 -15.17 11.29
N VAL A 98 1.23 -16.07 10.63
CA VAL A 98 0.21 -15.74 9.64
C VAL A 98 -1.14 -16.26 10.19
N LYS A 99 -2.10 -15.34 10.37
N LYS A 99 -2.08 -15.35 10.44
CA LYS A 99 -3.44 -15.70 10.81
CA LYS A 99 -3.43 -15.72 10.81
C LYS A 99 -4.39 -15.61 9.62
C LYS A 99 -4.30 -15.67 9.55
N LEU A 100 -5.13 -16.69 9.37
CA LEU A 100 -5.91 -16.89 8.14
C LEU A 100 -7.40 -16.73 8.45
N PRO A 101 -8.27 -16.92 7.45
CA PRO A 101 -9.71 -17.03 7.74
C PRO A 101 -10.02 -18.31 8.52
N ASP A 102 -11.17 -18.36 9.17
CA ASP A 102 -11.56 -19.53 9.96
C ASP A 102 -10.66 -19.74 11.22
N GLY A 103 -10.03 -18.67 11.69
CA GLY A 103 -9.21 -18.72 12.91
C GLY A 103 -7.87 -19.44 12.78
N TYR A 104 -7.56 -19.94 11.58
CA TYR A 104 -6.36 -20.77 11.38
C TYR A 104 -5.12 -19.89 11.45
N GLU A 105 -4.09 -20.39 12.10
CA GLU A 105 -2.86 -19.66 12.27
C GLU A 105 -1.71 -20.62 12.01
N PHE A 106 -0.62 -20.12 11.46
CA PHE A 106 0.61 -20.92 11.44
C PHE A 106 1.90 -20.09 11.47
N LYS A 107 2.99 -20.75 11.83
CA LYS A 107 4.28 -20.09 11.91
C LYS A 107 5.20 -20.55 10.77
N PHE A 108 5.98 -19.61 10.26
CA PHE A 108 7.06 -19.90 9.32
C PHE A 108 8.34 -19.36 9.94
N PRO A 109 9.43 -20.14 9.97
CA PRO A 109 10.68 -19.67 10.57
C PRO A 109 11.16 -18.41 9.90
N ASN A 110 11.60 -17.45 10.72
CA ASN A 110 12.21 -16.23 10.21
C ASN A 110 13.66 -16.56 9.84
N ARG A 111 13.94 -16.63 8.54
CA ARG A 111 15.27 -17.06 8.04
C ARG A 111 16.21 -15.93 7.60
N LEU A 112 15.72 -14.70 7.61
CA LEU A 112 16.54 -13.57 7.16
C LEU A 112 17.03 -12.65 8.29
N ASN A 113 16.37 -12.68 9.44
N ASN A 113 16.31 -12.69 9.41
CA ASN A 113 16.76 -11.80 10.57
CA ASN A 113 16.58 -11.82 10.56
C ASN A 113 16.88 -10.31 10.19
C ASN A 113 16.86 -10.36 10.18
N LEU A 114 15.85 -9.77 9.55
CA LEU A 114 15.86 -8.35 9.15
C LEU A 114 15.29 -7.54 10.30
N GLU A 115 15.69 -6.27 10.39
CA GLU A 115 15.11 -5.36 11.37
C GLU A 115 13.61 -5.10 11.15
N ALA A 116 13.17 -5.07 9.90
CA ALA A 116 11.79 -4.72 9.58
C ALA A 116 11.39 -5.34 8.27
N ILE A 117 10.09 -5.44 8.04
CA ILE A 117 9.59 -5.74 6.70
C ILE A 117 9.37 -4.42 6.00
N ASN A 118 10.04 -4.22 4.87
CA ASN A 118 9.95 -2.99 4.11
C ASN A 118 9.28 -3.08 2.73
N TYR A 119 9.01 -4.29 2.31
CA TYR A 119 8.60 -4.55 0.97
C TYR A 119 7.50 -5.59 0.99
N MET A 120 6.46 -5.34 0.19
CA MET A 120 5.37 -6.29 -0.05
C MET A 120 4.95 -6.23 -1.51
N ALA A 121 4.71 -7.39 -2.11
CA ALA A 121 4.24 -7.50 -3.48
C ALA A 121 3.14 -8.54 -3.45
N ALA A 122 2.01 -8.23 -4.09
CA ALA A 122 0.98 -9.23 -4.35
C ALA A 122 1.11 -9.66 -5.80
N ASP A 123 0.84 -10.93 -6.06
CA ASP A 123 0.72 -11.40 -7.44
C ASP A 123 -0.33 -12.54 -7.57
N GLY A 124 -0.66 -12.88 -8.80
CA GLY A 124 -1.57 -14.00 -9.06
C GLY A 124 -3.02 -13.54 -9.01
N ASP A 125 -3.90 -14.47 -8.66
CA ASP A 125 -5.32 -14.29 -8.89
C ASP A 125 -5.98 -13.76 -7.63
N PHE A 126 -5.54 -12.56 -7.24
CA PHE A 126 -5.89 -11.92 -5.99
C PHE A 126 -5.84 -10.41 -6.22
N LYS A 127 -6.98 -9.73 -6.10
CA LYS A 127 -7.06 -8.28 -6.26
C LYS A 127 -7.18 -7.65 -4.86
N ILE A 128 -6.11 -7.02 -4.38
CA ILE A 128 -6.13 -6.30 -3.07
C ILE A 128 -7.18 -5.19 -3.04
N LYS A 129 -7.99 -5.19 -2.00
CA LYS A 129 -8.97 -4.16 -1.77
C LYS A 129 -8.52 -3.23 -0.65
N VAL A 131 -5.35 -2.59 2.53
CA VAL A 131 -4.16 -2.90 3.35
C VAL A 131 -4.12 -1.99 4.57
N ALA A 132 -3.85 -2.56 5.74
CA ALA A 132 -3.82 -1.79 6.97
C ALA A 132 -2.61 -2.17 7.80
N PHE A 133 -2.16 -1.19 8.57
CA PHE A 133 -1.00 -1.32 9.44
C PHE A 133 -1.49 -1.05 10.86
N ASP A 134 -0.96 -1.83 11.79
CA ASP A 134 -1.43 -1.82 13.18
C ASP A 134 -0.23 -2.13 14.08
N ALA B 1 8.84 8.92 -0.44
CA ALA B 1 10.32 9.19 -0.38
C ALA B 1 10.94 8.44 0.79
N CYS B 2 10.44 8.65 2.01
N CYS B 2 10.43 8.72 1.99
CA CYS B 2 10.76 7.74 3.13
CA CYS B 2 10.75 7.98 3.23
C CYS B 2 9.49 7.22 3.84
C CYS B 2 9.51 7.22 3.74
N GLY B 3 8.33 7.81 3.54
CA GLY B 3 7.04 7.20 3.88
C GLY B 3 6.67 6.17 2.81
N LEU B 4 5.51 5.55 2.98
CA LEU B 4 5.04 4.51 2.06
C LEU B 4 5.13 4.92 0.60
N VAL B 5 5.64 4.00 -0.22
CA VAL B 5 5.51 4.11 -1.67
C VAL B 5 4.77 2.89 -2.19
N ALA B 6 3.72 3.09 -3.00
CA ALA B 6 2.95 2.01 -3.58
C ALA B 6 2.88 2.17 -5.10
N SER B 7 3.21 1.13 -5.85
CA SER B 7 3.02 1.16 -7.28
C SER B 7 2.19 -0.04 -7.80
N ASN B 8 1.88 0.01 -9.09
CA ASN B 8 0.94 -0.91 -9.74
C ASN B 8 -0.47 -0.82 -9.16
N LEU B 9 -0.89 0.40 -8.87
CA LEU B 9 -2.22 0.68 -8.29
C LEU B 9 -3.32 0.47 -9.34
N ASN B 10 -3.04 0.81 -10.57
CA ASN B 10 -4.05 0.72 -11.63
C ASN B 10 -5.42 1.25 -11.20
N LEU B 11 -5.43 2.43 -10.58
CA LEU B 11 -6.67 3.13 -10.29
C LEU B 11 -7.17 3.77 -11.58
N LYS B 12 -8.39 3.46 -11.95
CA LYS B 12 -8.99 3.98 -13.19
C LYS B 12 -9.93 5.14 -12.88
N PRO B 13 -10.29 5.94 -13.88
CA PRO B 13 -11.18 7.07 -13.61
C PRO B 13 -12.51 6.58 -13.04
N GLY B 14 -12.97 7.29 -12.01
CA GLY B 14 -14.22 6.94 -11.33
C GLY B 14 -13.99 6.13 -10.08
N GLU B 15 -12.79 5.56 -9.93
CA GLU B 15 -12.48 4.68 -8.81
C GLU B 15 -12.00 5.52 -7.64
N LEU B 17 -9.74 5.97 -4.30
CA LEU B 17 -8.67 5.60 -3.39
C LEU B 17 -8.96 6.26 -2.06
N ARG B 18 -9.02 5.47 -0.99
CA ARG B 18 -9.14 6.00 0.38
C ARG B 18 -7.90 5.74 1.20
N VAL B 19 -7.39 6.79 1.82
CA VAL B 19 -6.21 6.72 2.67
C VAL B 19 -6.50 7.30 4.03
N ARG B 20 -6.23 6.53 5.10
N ARG B 20 -6.19 6.54 5.09
CA ARG B 20 -6.22 7.06 6.45
CA ARG B 20 -6.20 7.08 6.43
C ARG B 20 -4.81 7.00 7.03
C ARG B 20 -4.82 6.99 7.05
N GLY B 21 -4.42 8.05 7.73
CA GLY B 21 -3.12 8.14 8.39
C GLY B 21 -3.11 9.01 9.64
N GLU B 22 -1.95 9.10 10.28
CA GLU B 22 -1.78 9.89 11.52
C GLU B 22 -0.92 11.13 11.25
N VAL B 23 -1.46 12.29 11.56
CA VAL B 23 -0.72 13.54 11.46
C VAL B 23 0.09 13.67 12.74
N ALA B 24 1.41 13.80 12.60
CA ALA B 24 2.30 13.89 13.77
C ALA B 24 1.88 15.04 14.69
N PRO B 25 2.24 14.96 15.97
CA PRO B 25 1.77 15.93 16.93
C PRO B 25 2.34 17.36 16.75
N ASP B 26 3.53 17.48 16.16
CA ASP B 26 3.98 18.81 15.74
C ASP B 26 4.39 18.79 14.29
N ALA B 27 3.39 18.44 13.47
CA ALA B 27 3.52 18.35 12.03
C ALA B 27 3.88 19.71 11.48
N LYS B 28 4.80 19.73 10.51
CA LYS B 28 5.11 20.93 9.74
C LYS B 28 4.38 20.86 8.41
N SER B 29 4.40 19.68 7.78
CA SER B 29 3.63 19.41 6.57
C SER B 29 3.64 17.92 6.24
N PHE B 30 2.69 17.49 5.42
CA PHE B 30 2.81 16.18 4.79
C PHE B 30 2.51 16.26 3.33
N VAL B 31 2.90 15.21 2.61
CA VAL B 31 2.73 15.13 1.18
C VAL B 31 2.00 13.82 0.85
N LEU B 32 1.04 13.90 -0.06
CA LEU B 32 0.57 12.72 -0.78
C LEU B 32 0.83 12.99 -2.27
N ASN B 33 1.65 12.16 -2.89
CA ASN B 33 1.94 12.24 -4.30
C ASN B 33 1.26 11.08 -5.02
N LEU B 34 0.57 11.42 -6.11
CA LEU B 34 -0.18 10.50 -6.91
C LEU B 34 0.20 10.66 -8.35
N GLY B 35 0.42 9.57 -9.07
CA GLY B 35 0.60 9.70 -10.55
C GLY B 35 1.03 8.42 -11.24
N LYS B 36 1.92 8.56 -12.22
CA LYS B 36 2.50 7.42 -12.95
C LYS B 36 3.75 6.88 -12.23
N ASP B 37 4.62 7.78 -11.79
CA ASP B 37 5.86 7.44 -11.09
C ASP B 37 6.37 8.69 -10.40
N SER B 38 7.57 8.66 -9.83
CA SER B 38 8.06 9.83 -9.06
C SER B 38 8.27 11.10 -9.89
N ASN B 39 8.38 10.98 -11.21
CA ASN B 39 8.66 12.12 -12.09
C ASN B 39 7.43 12.63 -12.83
N ASN B 40 6.33 11.90 -12.70
CA ASN B 40 5.10 12.22 -13.39
C ASN B 40 3.91 12.13 -12.42
N LEU B 41 3.61 13.28 -11.80
CA LEU B 41 2.63 13.35 -10.72
C LEU B 41 1.48 14.24 -11.13
N LEU B 43 -0.89 14.75 -9.10
CA LEU B 43 -1.21 15.47 -7.87
C LEU B 43 -0.13 15.29 -6.84
N HIS B 44 0.46 16.44 -6.51
CA HIS B 44 1.30 16.61 -5.32
C HIS B 44 0.48 17.42 -4.35
N PHE B 45 0.01 16.76 -3.28
CA PHE B 45 -0.92 17.35 -2.34
C PHE B 45 -0.15 17.60 -1.05
N ASN B 46 -0.02 18.86 -0.63
CA ASN B 46 0.93 19.24 0.41
C ASN B 46 0.31 20.19 1.44
N PRO B 47 -0.41 19.63 2.41
CA PRO B 47 -0.92 20.47 3.50
C PRO B 47 0.27 20.96 4.32
N ARG B 48 0.38 22.27 4.50
CA ARG B 48 1.44 22.91 5.27
C ARG B 48 0.86 23.57 6.50
N PHE B 49 1.28 23.14 7.68
CA PHE B 49 0.86 23.78 8.91
C PHE B 49 1.77 24.95 9.19
N ASN B 50 3.07 24.70 9.15
CA ASN B 50 4.11 25.74 9.21
C ASN B 50 5.36 25.24 8.48
N ALA B 51 5.46 25.58 7.19
CA ALA B 51 6.62 25.22 6.35
C ALA B 51 6.74 26.08 5.08
N HIS B 52 7.97 26.53 4.80
CA HIS B 52 8.30 27.40 3.65
C HIS B 52 7.52 28.70 3.64
N GLY B 53 7.29 29.24 4.83
CA GLY B 53 6.60 30.52 4.99
C GLY B 53 5.08 30.43 4.89
N ASP B 54 4.56 29.22 4.69
CA ASP B 54 3.12 28.97 4.64
C ASP B 54 2.62 28.50 6.00
N ALA B 55 1.46 29.02 6.40
CA ALA B 55 0.80 28.65 7.65
C ALA B 55 -0.60 28.16 7.32
N ASN B 56 -0.96 26.97 7.80
CA ASN B 56 -2.27 26.38 7.54
C ASN B 56 -2.74 26.65 6.11
N THR B 57 -2.00 26.12 5.14
CA THR B 57 -2.31 26.28 3.72
C THR B 57 -2.07 24.99 2.99
N ILE B 58 -3.00 24.61 2.11
CA ILE B 58 -2.77 23.48 1.20
C ILE B 58 -2.21 23.98 -0.10
N VAL B 59 -1.08 23.39 -0.51
CA VAL B 59 -0.42 23.67 -1.77
C VAL B 59 -0.53 22.43 -2.66
N ASN B 61 0.37 20.80 -6.59
CA ASN B 61 1.13 20.95 -7.82
C ASN B 61 1.11 19.65 -8.60
N SER B 62 1.64 19.72 -9.82
CA SER B 62 1.90 18.56 -10.64
C SER B 62 3.40 18.50 -10.89
N LYS B 63 3.85 17.39 -11.44
CA LYS B 63 5.21 17.21 -11.95
C LYS B 63 5.05 16.48 -13.27
N ASP B 64 5.75 16.94 -14.31
CA ASP B 64 5.61 16.37 -15.64
C ASP B 64 7.01 16.21 -16.21
N GLY B 65 7.44 14.95 -16.35
CA GLY B 65 8.80 14.63 -16.82
C GLY B 65 9.91 15.31 -16.03
N GLY B 66 9.72 15.42 -14.72
CA GLY B 66 10.72 15.96 -13.81
C GLY B 66 10.49 17.42 -13.42
N ALA B 67 9.68 18.13 -14.21
CA ALA B 67 9.45 19.55 -14.03
C ALA B 67 8.15 19.80 -13.24
N TRP B 68 8.30 20.45 -12.08
CA TRP B 68 7.19 21.05 -11.36
C TRP B 68 6.39 21.96 -12.24
N GLY B 69 5.08 22.01 -11.98
CA GLY B 69 4.20 22.96 -12.65
C GLY B 69 3.98 24.13 -11.74
N THR B 70 2.88 24.83 -11.94
CA THR B 70 2.50 26.02 -11.17
C THR B 70 1.69 25.62 -9.92
N GLU B 71 2.03 26.18 -8.77
CA GLU B 71 1.36 25.93 -7.51
C GLU B 71 -0.04 26.48 -7.52
N GLN B 72 -0.97 25.72 -6.94
CA GLN B 72 -2.30 26.23 -6.66
C GLN B 72 -2.50 26.13 -5.18
N ARG B 73 -3.03 27.17 -4.57
CA ARG B 73 -3.19 27.22 -3.12
C ARG B 73 -4.66 27.27 -2.77
N GLU B 74 -5.02 26.70 -1.62
CA GLU B 74 -6.40 26.70 -1.16
C GLU B 74 -6.51 27.33 0.22
N ALA B 75 -7.56 28.15 0.37
CA ALA B 75 -7.89 28.86 1.60
C ALA B 75 -8.15 27.92 2.80
N VAL B 76 -9.11 27.02 2.65
CA VAL B 76 -9.55 26.17 3.78
C VAL B 76 -8.53 25.08 4.18
N PHE B 77 -8.40 24.86 5.49
CA PHE B 77 -7.43 23.92 6.07
C PHE B 77 -8.06 23.07 7.18
N PRO B 78 -8.70 21.96 6.80
CA PRO B 78 -9.48 21.17 7.76
C PRO B 78 -8.68 20.07 8.46
N PHE B 79 -7.39 20.30 8.68
CA PHE B 79 -6.49 19.32 9.28
C PHE B 79 -6.00 19.89 10.58
N GLN B 80 -5.68 19.00 11.52
CA GLN B 80 -5.07 19.38 12.79
C GLN B 80 -3.89 18.45 13.10
N PRO B 81 -2.80 19.02 13.61
CA PRO B 81 -1.70 18.21 14.14
C PRO B 81 -2.20 17.19 15.18
N GLY B 82 -1.54 16.03 15.24
CA GLY B 82 -1.83 15.02 16.26
C GLY B 82 -3.19 14.34 16.17
N SER B 83 -3.71 14.21 14.97
CA SER B 83 -5.02 13.59 14.78
C SER B 83 -5.04 12.71 13.54
N VAL B 84 -6.15 12.01 13.35
CA VAL B 84 -6.35 11.08 12.24
C VAL B 84 -6.99 11.80 11.07
N ALA B 85 -6.36 11.73 9.90
CA ALA B 85 -6.92 12.31 8.67
C ALA B 85 -7.31 11.21 7.68
N GLU B 86 -8.56 11.23 7.19
CA GLU B 86 -8.99 10.45 6.03
C GLU B 86 -9.09 11.32 4.79
N VAL B 87 -8.54 10.82 3.69
CA VAL B 87 -8.56 11.49 2.40
C VAL B 87 -9.11 10.48 1.37
N ILE B 89 -9.68 10.11 -2.79
CA ILE B 89 -9.19 10.70 -4.02
C ILE B 89 -9.83 9.98 -5.19
N THR B 90 -10.41 10.75 -6.10
CA THR B 90 -10.80 10.25 -7.40
C THR B 90 -10.39 11.18 -8.55
N PHE B 91 -10.61 10.73 -9.78
CA PHE B 91 -10.30 11.58 -10.94
C PHE B 91 -11.15 11.27 -12.17
N ASP B 92 -11.21 12.23 -13.07
CA ASP B 92 -11.83 12.06 -14.38
C ASP B 92 -10.99 12.83 -15.38
N GLN B 93 -11.50 13.03 -16.61
CA GLN B 93 -10.73 13.66 -17.68
C GLN B 93 -10.31 15.10 -17.34
N ALA B 94 -11.18 15.81 -16.64
CA ALA B 94 -10.95 17.23 -16.38
C ALA B 94 -10.19 17.47 -15.06
N ASN B 95 -10.55 16.76 -14.00
CA ASN B 95 -10.08 17.10 -12.64
C ASN B 95 -9.75 15.91 -11.77
N LEU B 96 -8.86 16.12 -10.80
CA LEU B 96 -8.78 15.30 -9.61
C LEU B 96 -9.65 15.94 -8.52
N THR B 97 -10.36 15.11 -7.77
CA THR B 97 -11.18 15.53 -6.66
C THR B 97 -10.68 14.88 -5.34
N VAL B 98 -10.15 15.71 -4.46
CA VAL B 98 -9.80 15.28 -3.12
C VAL B 98 -10.92 15.63 -2.20
N LYS B 99 -11.45 14.60 -1.54
CA LYS B 99 -12.59 14.69 -0.65
C LYS B 99 -12.23 14.35 0.79
N LEU B 100 -12.96 14.97 1.70
CA LEU B 100 -12.99 14.59 3.10
C LEU B 100 -14.44 14.25 3.53
N PRO B 101 -14.57 13.26 4.42
CA PRO B 101 -15.87 12.93 5.00
C PRO B 101 -16.56 14.13 5.66
N ASP B 102 -15.75 15.02 6.25
N ASP B 102 -15.74 15.00 6.25
CA ASP B 102 -16.26 16.25 6.87
CA ASP B 102 -16.16 16.28 6.83
C ASP B 102 -16.91 17.21 5.86
C ASP B 102 -17.03 17.10 5.87
N GLY B 103 -16.83 16.89 4.57
CA GLY B 103 -17.58 17.61 3.54
C GLY B 103 -16.72 18.53 2.69
N TYR B 104 -15.47 18.73 3.09
CA TYR B 104 -14.54 19.51 2.26
C TYR B 104 -14.16 18.78 0.99
N GLU B 105 -13.96 19.55 -0.07
CA GLU B 105 -13.74 19.02 -1.39
C GLU B 105 -12.84 19.99 -2.13
N PHE B 106 -11.79 19.48 -2.73
CA PHE B 106 -10.86 20.28 -3.52
C PHE B 106 -10.78 19.66 -4.89
N LYS B 107 -10.79 20.51 -5.91
CA LYS B 107 -10.53 20.10 -7.28
C LYS B 107 -9.15 20.61 -7.70
N PHE B 108 -8.45 19.82 -8.47
CA PHE B 108 -7.21 20.23 -9.08
C PHE B 108 -7.28 19.74 -10.54
N PRO B 109 -6.99 20.60 -11.49
CA PRO B 109 -7.04 20.20 -12.88
C PRO B 109 -6.15 19.01 -13.15
N ASN B 110 -6.64 18.13 -14.02
CA ASN B 110 -5.91 16.94 -14.44
C ASN B 110 -4.99 17.40 -15.57
N ARG B 111 -3.78 17.84 -15.23
CA ARG B 111 -2.86 18.44 -16.21
C ARG B 111 -2.06 17.47 -17.08
N LEU B 112 -1.99 16.20 -16.67
CA LEU B 112 -1.18 15.19 -17.32
C LEU B 112 -2.03 14.24 -18.16
N ASN B 113 -3.35 14.25 -17.96
CA ASN B 113 -4.27 13.38 -18.70
C ASN B 113 -3.78 11.94 -18.72
N LEU B 114 -3.37 11.42 -17.56
CA LEU B 114 -2.96 10.01 -17.47
C LEU B 114 -4.25 9.18 -17.43
N GLU B 115 -4.15 7.91 -17.82
N GLU B 115 -4.12 7.91 -17.80
CA GLU B 115 -5.34 7.04 -17.93
CA GLU B 115 -5.25 6.99 -17.95
C GLU B 115 -5.59 6.26 -16.64
C GLU B 115 -5.59 6.28 -16.64
N ALA B 116 -4.55 6.10 -15.83
CA ALA B 116 -4.65 5.40 -14.58
C ALA B 116 -3.75 6.12 -13.62
N ILE B 117 -4.01 5.97 -12.33
CA ILE B 117 -3.04 6.35 -11.31
C ILE B 117 -2.37 5.05 -10.89
N ASN B 118 -1.07 4.97 -11.08
CA ASN B 118 -0.31 3.78 -10.80
C ASN B 118 0.67 3.88 -9.65
N TYR B 119 0.83 5.07 -9.09
CA TYR B 119 1.87 5.33 -8.11
C TYR B 119 1.32 6.25 -7.02
N MET B 120 1.62 5.93 -5.77
CA MET B 120 1.27 6.78 -4.65
C MET B 120 2.41 6.76 -3.66
N ALA B 121 2.82 7.95 -3.22
CA ALA B 121 3.86 8.12 -2.22
C ALA B 121 3.35 9.09 -1.14
N ALA B 122 3.73 8.81 0.10
CA ALA B 122 3.45 9.65 1.27
C ALA B 122 4.79 10.09 1.81
N ASP B 123 4.90 11.34 2.24
CA ASP B 123 6.12 11.86 2.87
C ASP B 123 5.75 12.85 3.98
N GLY B 124 6.72 13.16 4.83
CA GLY B 124 6.52 14.21 5.81
C GLY B 124 5.82 13.68 7.02
N ASP B 125 5.12 14.54 7.74
CA ASP B 125 4.73 14.22 9.11
C ASP B 125 3.36 13.57 9.12
N PHE B 126 3.31 12.41 8.49
CA PHE B 126 2.08 11.69 8.22
C PHE B 126 2.34 10.19 8.04
N LYS B 127 1.77 9.38 8.93
CA LYS B 127 1.93 7.93 8.92
C LYS B 127 0.65 7.22 8.44
N ILE B 128 0.75 6.53 7.29
CA ILE B 128 -0.38 5.81 6.69
C ILE B 128 -0.75 4.60 7.55
N LYS B 129 -2.03 4.52 7.94
CA LYS B 129 -2.57 3.37 8.70
C LYS B 129 -3.37 2.40 7.80
N VAL B 131 -5.05 1.93 3.62
CA VAL B 131 -5.26 2.31 2.24
C VAL B 131 -6.29 1.33 1.68
N ALA B 132 -7.29 1.83 0.97
CA ALA B 132 -8.31 0.97 0.39
C ALA B 132 -8.68 1.41 -1.03
N PHE B 133 -9.02 0.43 -1.86
CA PHE B 133 -9.40 0.64 -3.25
C PHE B 133 -10.84 0.20 -3.49
N ASP B 134 -11.65 1.09 -4.08
CA ASP B 134 -13.01 0.75 -4.51
C ASP B 134 -13.50 1.76 -5.57
#